data_3K6F
#
_entry.id   3K6F
#
_cell.length_a   50.355
_cell.length_b   50.355
_cell.length_c   122.460
_cell.angle_alpha   90.000
_cell.angle_beta   90.000
_cell.angle_gamma   120.000
#
_symmetry.space_group_name_H-M   'P 62'
#
loop_
_entity.id
_entity.type
_entity.pdbx_description
1 polymer T-cadherin
2 water water
#
_entity_poly.entity_id   1
_entity_poly.type   'polypeptide(L)'
_entity_poly.pdbx_seq_one_letter_code
;SGIVVSPILIPENQRQPFPRDVGKVVDSDRPEGSKFRLTGKGVDQDPKGTFRINENTGSVSVTRTLDRETIATYQLYVET
TDASGKTLEGPVPLEVIVID
;
_entity_poly.pdbx_strand_id   A,B
#
# COMPACT_ATOMS: atom_id res chain seq x y z
N SER A 1 4.14 -3.50 -22.14
CA SER A 1 2.80 -3.68 -22.70
C SER A 1 1.74 -2.83 -21.99
N GLY A 2 2.11 -2.23 -20.87
CA GLY A 2 1.40 -1.07 -20.38
C GLY A 2 0.25 -1.22 -19.40
N ILE A 3 -0.12 -0.08 -18.84
CA ILE A 3 -1.09 -0.05 -17.76
C ILE A 3 -2.48 -0.10 -18.35
N VAL A 4 -3.33 -0.95 -17.78
CA VAL A 4 -4.71 -1.03 -18.20
C VAL A 4 -5.58 -0.59 -17.04
N VAL A 5 -6.47 0.37 -17.29
CA VAL A 5 -7.38 0.82 -16.25
C VAL A 5 -8.81 0.80 -16.75
N SER A 6 -9.75 0.65 -15.82
CA SER A 6 -11.17 0.83 -16.11
C SER A 6 -11.70 1.77 -15.04
N PRO A 7 -12.73 2.59 -15.37
CA PRO A 7 -13.22 3.55 -14.38
C PRO A 7 -13.72 2.87 -13.11
N ILE A 8 -13.52 3.54 -11.98
CA ILE A 8 -13.81 2.93 -10.67
C ILE A 8 -15.06 3.57 -10.10
N LEU A 9 -15.97 2.75 -9.57
CA LEU A 9 -17.23 3.23 -9.05
C LEU A 9 -17.25 3.03 -7.56
N ILE A 10 -17.63 4.07 -6.82
CA ILE A 10 -17.70 3.99 -5.37
C ILE A 10 -19.05 4.49 -4.87
N PRO A 11 -19.76 3.68 -4.07
CA PRO A 11 -21.01 4.20 -3.55
C PRO A 11 -20.76 5.27 -2.50
N GLU A 12 -21.59 6.31 -2.49
CA GLU A 12 -21.38 7.34 -1.50
C GLU A 12 -21.81 6.79 -0.14
N ASN A 13 -21.30 7.41 0.93
CA ASN A 13 -21.70 7.02 2.29
C ASN A 13 -21.35 5.57 2.67
N GLN A 14 -20.25 5.05 2.15
CA GLN A 14 -19.78 3.77 2.63
C GLN A 14 -19.58 3.80 4.15
N ARG A 15 -19.86 2.65 4.79
CA ARG A 15 -19.55 2.43 6.21
C ARG A 15 -18.12 2.02 6.49
N GLN A 16 -17.63 2.35 7.68
CA GLN A 16 -16.35 1.85 8.21
C GLN A 16 -16.48 0.36 8.48
N PRO A 17 -15.36 -0.32 8.74
CA PRO A 17 -13.98 0.19 8.80
C PRO A 17 -13.44 0.57 7.43
N PHE A 18 -12.52 1.52 7.42
CA PHE A 18 -11.73 1.81 6.24
C PHE A 18 -10.28 1.41 6.54
N PRO A 19 -9.48 1.21 5.50
CA PRO A 19 -9.77 1.40 4.08
C PRO A 19 -10.62 0.28 3.50
N ARG A 20 -11.16 0.51 2.30
CA ARG A 20 -11.91 -0.49 1.56
C ARG A 20 -11.46 -0.48 0.13
N ASP A 21 -11.32 -1.68 -0.44
CA ASP A 21 -10.84 -1.82 -1.81
C ASP A 21 -11.99 -1.48 -2.75
N VAL A 22 -11.72 -0.75 -3.81
CA VAL A 22 -12.81 -0.38 -4.73
C VAL A 22 -12.52 -0.66 -6.21
N GLY A 23 -11.26 -0.92 -6.55
CA GLY A 23 -10.95 -1.14 -7.96
C GLY A 23 -9.56 -1.72 -8.11
N LYS A 24 -9.14 -1.97 -9.34
CA LYS A 24 -7.83 -2.59 -9.53
C LYS A 24 -7.27 -2.05 -10.85
N VAL A 25 -6.02 -1.66 -10.81
CA VAL A 25 -5.26 -1.35 -12.02
C VAL A 25 -4.43 -2.58 -12.37
N VAL A 26 -4.20 -2.82 -13.66
CA VAL A 26 -3.40 -3.96 -14.09
C VAL A 26 -2.30 -3.48 -15.03
N ASP A 27 -1.13 -4.09 -14.91
CA ASP A 27 -0.03 -3.79 -15.81
C ASP A 27 0.16 -4.98 -16.72
N SER A 28 -0.17 -4.80 -18.01
CA SER A 28 -0.01 -5.86 -18.98
C SER A 28 1.48 -6.15 -19.15
N ASP A 29 1.86 -7.43 -19.15
CA ASP A 29 3.26 -7.82 -19.38
C ASP A 29 4.14 -7.09 -18.36
N ARG A 30 3.72 -7.13 -17.12
CA ARG A 30 4.39 -6.38 -16.06
C ARG A 30 5.86 -6.76 -15.86
N PRO A 31 6.75 -5.77 -15.81
CA PRO A 31 8.16 -6.04 -15.54
C PRO A 31 8.38 -6.58 -14.14
N GLU A 32 9.32 -7.51 -13.99
CA GLU A 32 9.71 -7.97 -12.67
C GLU A 32 10.25 -6.76 -11.91
N GLY A 33 9.92 -6.65 -10.63
CA GLY A 33 10.44 -5.58 -9.81
C GLY A 33 9.61 -4.32 -9.82
N SER A 34 8.59 -4.31 -10.67
CA SER A 34 7.71 -3.18 -10.89
C SER A 34 6.82 -2.93 -9.67
N LYS A 35 6.54 -1.66 -9.36
CA LYS A 35 5.55 -1.31 -8.34
C LYS A 35 4.64 -0.18 -8.79
N PHE A 36 3.45 -0.11 -8.20
CA PHE A 36 2.48 0.91 -8.55
C PHE A 36 2.60 2.15 -7.67
N ARG A 37 2.41 3.31 -8.29
CA ARG A 37 2.32 4.59 -7.57
C ARG A 37 1.09 5.37 -8.00
N LEU A 38 0.36 5.89 -7.02
CA LEU A 38 -0.83 6.67 -7.32
C LEU A 38 -0.62 8.14 -6.92
N THR A 39 -1.09 9.07 -7.75
CA THR A 39 -1.02 10.49 -7.43
C THR A 39 -2.30 11.21 -7.85
N GLY A 40 -2.42 12.46 -7.46
CA GLY A 40 -3.56 13.25 -7.90
C GLY A 40 -4.41 13.88 -6.82
N LYS A 41 -5.43 14.61 -7.26
CA LYS A 41 -6.35 15.25 -6.34
C LYS A 41 -7.10 14.15 -5.65
N GLY A 42 -6.94 14.05 -4.34
CA GLY A 42 -7.52 12.97 -3.56
C GLY A 42 -6.47 12.01 -3.02
N VAL A 43 -5.23 12.18 -3.48
CA VAL A 43 -4.10 11.38 -3.00
C VAL A 43 -3.08 12.31 -2.38
N ASP A 44 -2.18 12.88 -3.21
CA ASP A 44 -1.18 13.78 -2.66
C ASP A 44 -1.59 15.25 -2.77
N GLN A 45 -2.72 15.49 -3.42
CA GLN A 45 -3.29 16.85 -3.49
C GLN A 45 -4.68 16.86 -2.87
N ASP A 46 -5.08 18.00 -2.32
CA ASP A 46 -6.36 18.07 -1.62
C ASP A 46 -7.49 17.46 -2.47
N PRO A 47 -8.39 16.67 -1.85
CA PRO A 47 -8.35 16.31 -0.43
C PRO A 47 -7.37 15.15 -0.22
N LYS A 48 -6.28 15.40 0.51
CA LYS A 48 -5.19 14.43 0.54
C LYS A 48 -5.58 13.13 1.24
N GLY A 49 -4.97 12.03 0.79
CA GLY A 49 -5.07 10.73 1.45
C GLY A 49 -6.44 10.09 1.34
N THR A 50 -7.26 10.54 0.39
CA THR A 50 -8.59 9.94 0.20
C THR A 50 -8.47 8.56 -0.45
N PHE A 51 -7.50 8.40 -1.37
CA PHE A 51 -7.30 7.15 -2.09
C PHE A 51 -5.86 6.62 -1.90
N ARG A 52 -5.71 5.30 -2.02
CA ARG A 52 -4.37 4.69 -2.05
C ARG A 52 -4.34 3.59 -3.08
N ILE A 53 -3.13 3.22 -3.49
CA ILE A 53 -2.94 2.03 -4.30
C ILE A 53 -1.95 1.12 -3.59
N ASN A 54 -2.16 -0.19 -3.72
CA ASN A 54 -1.25 -1.18 -3.15
C ASN A 54 -0.07 -1.32 -4.11
N GLU A 55 1.14 -0.97 -3.65
CA GLU A 55 2.30 -0.96 -4.53
C GLU A 55 2.54 -2.30 -5.20
N ASN A 56 2.17 -3.39 -4.52
CA ASN A 56 2.35 -4.74 -5.09
C ASN A 56 1.25 -5.15 -6.06
N THR A 57 0.00 -4.93 -5.66
CA THR A 57 -1.12 -5.58 -6.36
C THR A 57 -1.90 -4.69 -7.32
N GLY A 58 -1.68 -3.38 -7.27
CA GLY A 58 -2.48 -2.43 -8.06
C GLY A 58 -3.92 -2.23 -7.58
N SER A 59 -4.26 -2.84 -6.44
CA SER A 59 -5.60 -2.66 -5.90
C SER A 59 -5.72 -1.25 -5.34
N VAL A 60 -6.80 -0.56 -5.69
CA VAL A 60 -7.01 0.83 -5.29
C VAL A 60 -8.04 0.85 -4.19
N SER A 61 -7.77 1.62 -3.14
CA SER A 61 -8.68 1.70 -2.01
C SER A 61 -9.06 3.11 -1.61
N VAL A 62 -10.15 3.22 -0.86
CA VAL A 62 -10.65 4.50 -0.35
C VAL A 62 -10.57 4.48 1.19
N THR A 63 -10.31 5.62 1.81
CA THR A 63 -9.94 5.66 3.22
C THR A 63 -10.99 6.29 4.11
N ARG A 64 -12.08 6.75 3.50
CA ARG A 64 -13.11 7.46 4.25
C ARG A 64 -14.41 7.46 3.48
N THR A 65 -15.47 7.88 4.15
CA THR A 65 -16.77 7.88 3.52
C THR A 65 -16.85 9.09 2.58
N LEU A 66 -17.50 8.95 1.42
CA LEU A 66 -17.57 10.03 0.43
C LEU A 66 -18.99 10.51 0.16
N ASP A 67 -19.09 11.74 -0.33
CA ASP A 67 -20.36 12.39 -0.67
C ASP A 67 -20.25 12.90 -2.10
N ARG A 68 -21.12 12.39 -2.96
CA ARG A 68 -21.12 12.83 -4.36
C ARG A 68 -21.31 14.34 -4.46
N GLU A 69 -22.09 14.93 -3.56
CA GLU A 69 -22.33 16.37 -3.63
C GLU A 69 -21.11 17.20 -3.24
N THR A 70 -20.12 16.58 -2.60
CA THR A 70 -18.89 17.32 -2.30
C THR A 70 -17.95 17.27 -3.50
N ILE A 71 -17.58 16.06 -3.89
CA ILE A 71 -16.86 15.83 -5.13
C ILE A 71 -17.44 14.57 -5.77
N ALA A 72 -17.84 14.69 -7.04
CA ALA A 72 -18.55 13.61 -7.70
C ALA A 72 -17.61 12.72 -8.51
N THR A 73 -16.47 13.26 -8.91
CA THR A 73 -15.53 12.45 -9.69
C THR A 73 -14.09 12.90 -9.43
N TYR A 74 -13.17 11.95 -9.41
CA TYR A 74 -11.75 12.22 -9.25
C TYR A 74 -10.98 11.72 -10.46
N GLN A 75 -10.02 12.51 -10.94
CA GLN A 75 -9.09 12.04 -11.95
C GLN A 75 -7.74 11.78 -11.30
N LEU A 76 -7.45 10.51 -11.02
CA LEU A 76 -6.19 10.10 -10.43
C LEU A 76 -5.21 9.72 -11.53
N TYR A 77 -3.96 9.49 -11.13
CA TYR A 77 -2.90 9.11 -12.06
C TYR A 77 -2.15 7.92 -11.48
N VAL A 78 -1.85 6.95 -12.33
CA VAL A 78 -1.10 5.78 -11.88
C VAL A 78 0.11 5.54 -12.78
N GLU A 79 1.20 5.12 -12.15
CA GLU A 79 2.39 4.76 -12.87
C GLU A 79 2.96 3.47 -12.30
N THR A 80 3.84 2.83 -13.06
CA THR A 80 4.65 1.78 -12.45
C THR A 80 6.05 2.33 -12.33
N THR A 81 6.77 1.93 -11.29
CA THR A 81 8.13 2.42 -11.06
C THR A 81 9.01 1.26 -10.71
N ASP A 82 10.32 1.45 -10.76
CA ASP A 82 11.23 0.44 -10.22
C ASP A 82 11.37 0.64 -8.71
N ALA A 83 12.17 -0.18 -8.05
CA ALA A 83 12.26 -0.09 -6.59
C ALA A 83 12.71 1.31 -6.19
N SER A 84 13.57 1.88 -7.01
CA SER A 84 14.11 3.21 -6.77
C SER A 84 13.08 4.36 -6.89
N GLY A 85 11.95 4.12 -7.55
CA GLY A 85 10.95 5.15 -7.74
C GLY A 85 10.93 5.72 -9.15
N LYS A 86 11.88 5.29 -9.98
CA LYS A 86 11.98 5.75 -11.34
C LYS A 86 10.80 5.22 -12.13
N THR A 87 10.11 6.10 -12.85
CA THR A 87 8.93 5.70 -13.59
C THR A 87 9.27 4.74 -14.72
N LEU A 88 8.50 3.66 -14.83
CA LEU A 88 8.61 2.73 -15.97
C LEU A 88 7.48 2.97 -16.96
N GLU A 89 6.25 3.06 -16.46
CA GLU A 89 5.10 3.37 -17.31
C GLU A 89 4.21 4.44 -16.69
N GLY A 90 3.55 5.22 -17.54
CA GLY A 90 2.68 6.30 -17.07
C GLY A 90 3.46 7.57 -16.79
N PRO A 91 2.84 8.53 -16.08
CA PRO A 91 1.53 8.37 -15.46
C PRO A 91 0.42 8.33 -16.48
N VAL A 92 -0.62 7.56 -16.17
CA VAL A 92 -1.82 7.54 -16.98
C VAL A 92 -3.05 7.84 -16.12
N PRO A 93 -4.05 8.48 -16.73
CA PRO A 93 -5.27 8.83 -15.97
C PRO A 93 -6.08 7.60 -15.54
N LEU A 94 -6.70 7.69 -14.36
CA LEU A 94 -7.58 6.63 -13.82
C LEU A 94 -8.78 7.34 -13.24
N GLU A 95 -9.99 7.05 -13.73
CA GLU A 95 -11.14 7.85 -13.31
C GLU A 95 -11.98 7.16 -12.23
N VAL A 96 -12.48 7.95 -11.30
CA VAL A 96 -13.29 7.45 -10.21
C VAL A 96 -14.58 8.23 -10.18
N ILE A 97 -15.73 7.56 -10.07
CA ILE A 97 -17.01 8.25 -9.92
C ILE A 97 -17.63 7.88 -8.59
N VAL A 98 -18.10 8.89 -7.85
CA VAL A 98 -18.81 8.65 -6.58
C VAL A 98 -20.30 8.57 -6.90
N ILE A 99 -20.92 7.41 -6.67
CA ILE A 99 -22.30 7.13 -7.09
C ILE A 99 -23.33 7.38 -5.99
N ASP A 100 -24.38 8.13 -6.30
CA ASP A 100 -25.48 8.35 -5.39
C ASP A 100 -26.58 7.39 -5.78
N SER B 1 19.87 -16.20 5.23
CA SER B 1 20.05 -16.98 6.44
C SER B 1 18.87 -16.76 7.36
N GLY B 2 17.68 -16.72 6.78
CA GLY B 2 16.49 -16.50 7.57
C GLY B 2 16.14 -15.04 7.72
N ILE B 3 14.85 -14.80 7.90
CA ILE B 3 14.34 -13.46 8.08
C ILE B 3 14.96 -12.76 9.29
N VAL B 4 15.45 -11.55 9.09
CA VAL B 4 15.88 -10.73 10.20
C VAL B 4 15.42 -9.29 9.98
N VAL B 5 14.97 -8.64 11.04
CA VAL B 5 14.46 -7.27 10.90
C VAL B 5 14.57 -6.49 12.21
N SER B 6 15.30 -5.37 12.20
CA SER B 6 15.34 -4.51 13.39
C SER B 6 13.96 -3.93 13.64
N PRO B 7 13.63 -3.67 14.93
CA PRO B 7 12.36 -3.02 15.25
C PRO B 7 12.23 -1.72 14.49
N ILE B 8 11.03 -1.46 14.00
CA ILE B 8 10.80 -0.31 13.15
C ILE B 8 10.27 0.88 13.96
N LEU B 9 10.93 2.04 13.82
CA LEU B 9 10.51 3.26 14.50
C LEU B 9 9.91 4.27 13.52
N ILE B 10 8.72 4.76 13.83
CA ILE B 10 8.04 5.69 12.94
C ILE B 10 7.66 6.96 13.71
N PRO B 11 8.09 8.13 13.22
CA PRO B 11 7.71 9.36 13.90
C PRO B 11 6.21 9.55 13.81
N GLU B 12 5.54 9.93 14.89
CA GLU B 12 4.11 10.21 14.75
C GLU B 12 3.92 11.48 13.92
N ASN B 13 2.74 11.62 13.32
CA ASN B 13 2.40 12.84 12.59
C ASN B 13 3.23 13.09 11.31
N GLN B 14 3.65 12.01 10.65
CA GLN B 14 4.21 12.12 9.30
C GLN B 14 3.16 12.69 8.36
N ARG B 15 3.59 13.24 7.24
CA ARG B 15 2.66 13.89 6.30
C ARG B 15 2.85 13.44 4.85
N GLN B 16 1.90 13.81 3.99
CA GLN B 16 1.96 13.42 2.57
C GLN B 16 3.28 13.94 1.99
N PRO B 17 3.82 13.26 0.97
CA PRO B 17 3.30 12.07 0.28
C PRO B 17 3.55 10.75 1.00
N PHE B 18 2.62 9.82 0.79
CA PHE B 18 2.71 8.46 1.31
C PHE B 18 2.64 7.56 0.09
N PRO B 19 3.08 6.30 0.22
CA PRO B 19 3.65 5.69 1.44
C PRO B 19 5.07 6.18 1.71
N ARG B 20 5.54 5.94 2.93
CA ARG B 20 6.90 6.35 3.30
C ARG B 20 7.67 5.14 3.78
N ASP B 21 8.89 4.97 3.30
CA ASP B 21 9.71 3.85 3.75
C ASP B 21 10.11 4.05 5.21
N VAL B 22 9.90 3.02 6.02
CA VAL B 22 10.29 3.12 7.44
C VAL B 22 11.16 1.99 7.99
N GLY B 23 11.28 0.90 7.26
CA GLY B 23 12.07 -0.22 7.74
C GLY B 23 12.45 -1.19 6.64
N LYS B 24 13.13 -2.26 7.00
CA LYS B 24 13.57 -3.20 5.96
C LYS B 24 13.65 -4.61 6.52
N VAL B 25 12.97 -5.54 5.86
CA VAL B 25 13.11 -6.95 6.18
C VAL B 25 14.22 -7.56 5.31
N VAL B 26 15.16 -8.26 5.95
CA VAL B 26 16.26 -8.90 5.26
C VAL B 26 16.11 -10.41 5.32
N ASP B 27 16.34 -11.07 4.19
CA ASP B 27 16.38 -12.52 4.14
C ASP B 27 17.40 -12.90 3.08
N SER B 28 18.66 -12.95 3.49
CA SER B 28 19.76 -13.09 2.55
C SER B 28 19.68 -14.36 1.70
N ASP B 29 19.20 -15.46 2.28
CA ASP B 29 19.18 -16.69 1.49
C ASP B 29 17.83 -17.07 0.86
N ARG B 30 16.87 -16.14 0.85
CA ARG B 30 15.56 -16.48 0.32
C ARG B 30 15.67 -16.93 -1.14
N PRO B 31 14.80 -17.87 -1.54
CA PRO B 31 14.86 -18.43 -2.90
C PRO B 31 14.55 -17.38 -3.94
N GLU B 32 15.27 -17.43 -5.04
CA GLU B 32 14.90 -16.62 -6.19
C GLU B 32 13.52 -17.08 -6.59
N GLY B 33 12.62 -16.12 -6.77
CA GLY B 33 11.24 -16.42 -7.13
C GLY B 33 10.31 -16.12 -5.98
N SER B 34 10.85 -16.10 -4.76
CA SER B 34 10.02 -15.92 -3.57
C SER B 34 9.63 -14.46 -3.39
N LYS B 35 8.60 -14.23 -2.60
CA LYS B 35 8.08 -12.88 -2.35
C LYS B 35 7.82 -12.63 -0.87
N PHE B 36 8.06 -11.40 -0.42
CA PHE B 36 7.74 -11.08 0.98
C PHE B 36 6.26 -10.75 1.07
N ARG B 37 5.65 -11.16 2.17
CA ARG B 37 4.26 -10.79 2.44
C ARG B 37 4.07 -10.45 3.91
N LEU B 38 3.35 -9.38 4.21
CA LEU B 38 3.02 -9.01 5.59
C LEU B 38 1.62 -9.49 5.94
N THR B 39 1.39 -9.79 7.22
CA THR B 39 0.06 -10.09 7.71
C THR B 39 -0.07 -9.59 9.15
N GLY B 40 -1.29 -9.48 9.65
CA GLY B 40 -1.44 -9.11 11.03
C GLY B 40 -2.09 -7.77 11.24
N LYS B 41 -2.13 -7.33 12.50
CA LYS B 41 -2.76 -6.06 12.81
C LYS B 41 -2.00 -4.93 12.12
N GLY B 42 -2.74 -4.03 11.47
CA GLY B 42 -2.11 -2.99 10.65
C GLY B 42 -1.91 -3.38 9.20
N VAL B 43 -2.23 -4.64 8.87
CA VAL B 43 -2.06 -5.12 7.50
C VAL B 43 -3.38 -5.68 7.02
N ASP B 44 -3.71 -6.91 7.43
CA ASP B 44 -5.00 -7.49 7.09
C ASP B 44 -5.98 -7.61 8.27
N GLN B 45 -5.60 -7.05 9.42
CA GLN B 45 -6.45 -6.90 10.60
C GLN B 45 -6.47 -5.42 10.97
N ASP B 46 -7.53 -4.96 11.62
CA ASP B 46 -7.67 -3.52 11.90
C ASP B 46 -6.47 -2.99 12.67
N PRO B 47 -5.97 -1.80 12.29
CA PRO B 47 -6.37 -0.97 11.14
C PRO B 47 -5.71 -1.46 9.87
N LYS B 48 -6.53 -1.97 8.94
CA LYS B 48 -6.02 -2.60 7.74
C LYS B 48 -5.25 -1.64 6.84
N GLY B 49 -4.26 -2.18 6.14
CA GLY B 49 -3.58 -1.41 5.12
C GLY B 49 -2.75 -0.25 5.65
N THR B 50 -2.25 -0.39 6.88
CA THR B 50 -1.41 0.65 7.48
C THR B 50 0.04 0.42 7.09
N PHE B 51 0.46 -0.83 7.06
CA PHE B 51 1.83 -1.16 6.63
C PHE B 51 1.83 -1.99 5.34
N ARG B 52 2.85 -1.78 4.51
CA ARG B 52 3.05 -2.58 3.31
C ARG B 52 4.49 -3.06 3.25
N ILE B 53 4.73 -4.16 2.54
CA ILE B 53 6.09 -4.56 2.26
C ILE B 53 6.26 -4.67 0.75
N ASN B 54 7.40 -4.21 0.24
CA ASN B 54 7.74 -4.41 -1.17
C ASN B 54 8.04 -5.89 -1.35
N GLU B 55 7.23 -6.56 -2.15
CA GLU B 55 7.30 -8.02 -2.28
C GLU B 55 8.67 -8.50 -2.73
N ASN B 56 9.41 -7.65 -3.43
CA ASN B 56 10.69 -8.07 -3.96
C ASN B 56 11.91 -7.61 -3.18
N THR B 57 11.77 -6.54 -2.42
CA THR B 57 12.93 -5.99 -1.71
C THR B 57 12.91 -6.10 -0.19
N GLY B 58 11.73 -6.34 0.38
CA GLY B 58 11.59 -6.39 1.83
C GLY B 58 11.50 -5.00 2.48
N SER B 59 11.50 -3.97 1.64
CA SER B 59 11.33 -2.60 2.14
C SER B 59 9.93 -2.40 2.72
N VAL B 60 9.86 -1.94 3.97
CA VAL B 60 8.60 -1.77 4.69
C VAL B 60 8.19 -0.31 4.75
N SER B 61 6.96 -0.02 4.36
CA SER B 61 6.47 1.35 4.31
C SER B 61 5.17 1.51 5.07
N VAL B 62 4.91 2.75 5.47
CA VAL B 62 3.68 3.08 6.15
C VAL B 62 2.83 3.97 5.22
N THR B 63 1.52 3.79 5.26
CA THR B 63 0.63 4.42 4.24
C THR B 63 -0.09 5.69 4.67
N ARG B 64 0.07 6.06 5.93
CA ARG B 64 -0.70 7.16 6.44
C ARG B 64 -0.08 7.68 7.72
N THR B 65 -0.59 8.80 8.18
CA THR B 65 -0.08 9.42 9.40
C THR B 65 -0.51 8.59 10.61
N LEU B 66 0.34 8.55 11.62
CA LEU B 66 0.03 7.80 12.84
C LEU B 66 0.12 8.66 14.09
N ASP B 67 -0.64 8.29 15.12
CA ASP B 67 -0.63 8.97 16.42
C ASP B 67 -0.31 7.97 17.52
N ARG B 68 0.78 8.18 18.25
CA ARG B 68 1.20 7.23 19.30
C ARG B 68 0.05 6.98 20.29
N GLU B 69 -0.73 8.02 20.53
CA GLU B 69 -1.83 7.99 21.47
C GLU B 69 -2.96 7.06 21.02
N THR B 70 -3.03 6.80 19.72
CA THR B 70 -4.03 5.89 19.20
C THR B 70 -3.57 4.46 19.36
N ILE B 71 -2.44 4.16 18.72
CA ILE B 71 -1.75 2.89 18.94
C ILE B 71 -0.26 3.20 19.00
N ALA B 72 0.39 2.79 20.08
CA ALA B 72 1.80 3.13 20.31
C ALA B 72 2.75 2.13 19.66
N THR B 73 2.35 0.87 19.62
CA THR B 73 3.20 -0.17 19.02
C THR B 73 2.35 -1.25 18.38
N TYR B 74 2.90 -1.88 17.35
CA TYR B 74 2.25 -2.96 16.60
C TYR B 74 3.15 -4.18 16.51
N GLN B 75 2.60 -5.36 16.79
CA GLN B 75 3.29 -6.57 16.40
C GLN B 75 2.56 -7.17 15.19
N LEU B 76 3.25 -7.12 14.05
CA LEU B 76 2.76 -7.64 12.79
C LEU B 76 3.62 -8.86 12.46
N TYR B 77 3.43 -9.42 11.27
CA TYR B 77 4.16 -10.60 10.86
C TYR B 77 4.63 -10.47 9.43
N VAL B 78 5.78 -11.07 9.15
CA VAL B 78 6.29 -11.12 7.78
C VAL B 78 6.62 -12.58 7.46
N GLU B 79 6.46 -12.94 6.20
CA GLU B 79 6.78 -14.27 5.72
C GLU B 79 7.36 -14.14 4.31
N THR B 80 7.95 -15.22 3.82
CA THR B 80 8.16 -15.35 2.39
C THR B 80 7.14 -16.34 1.85
N THR B 81 6.75 -16.17 0.59
CA THR B 81 5.87 -17.10 -0.10
C THR B 81 6.51 -17.62 -1.37
N ASP B 82 5.91 -18.71 -1.90
CA ASP B 82 6.10 -19.24 -3.25
C ASP B 82 5.80 -18.22 -4.31
N ALA B 83 6.21 -18.55 -5.53
CA ALA B 83 5.76 -17.80 -6.69
C ALA B 83 4.24 -17.95 -6.83
N SER B 84 3.61 -18.85 -6.06
CA SER B 84 2.16 -19.02 -6.14
C SER B 84 1.44 -18.39 -4.96
N GLY B 85 2.21 -17.88 -3.99
CA GLY B 85 1.61 -17.22 -2.83
C GLY B 85 1.56 -18.12 -1.60
N LYS B 86 2.08 -19.34 -1.75
CA LYS B 86 2.11 -20.31 -0.65
C LYS B 86 3.21 -19.99 0.35
N THR B 87 2.89 -19.98 1.64
CA THR B 87 3.89 -19.63 2.64
C THR B 87 5.13 -20.52 2.56
N LEU B 88 6.30 -19.89 2.59
CA LEU B 88 7.58 -20.61 2.65
C LEU B 88 8.22 -20.53 4.04
N GLU B 89 8.81 -19.38 4.38
CA GLU B 89 9.39 -19.15 5.69
C GLU B 89 8.50 -18.28 6.55
N GLY B 90 8.42 -18.57 7.86
CA GLY B 90 7.56 -17.76 8.71
C GLY B 90 6.11 -18.23 8.69
N PRO B 91 5.18 -17.36 9.10
CA PRO B 91 5.46 -15.97 9.47
C PRO B 91 6.28 -15.82 10.74
N VAL B 92 6.92 -14.67 10.86
CA VAL B 92 7.73 -14.33 12.00
C VAL B 92 7.32 -12.88 12.39
N PRO B 93 7.40 -12.55 13.68
CA PRO B 93 6.95 -11.25 14.17
C PRO B 93 7.86 -10.09 13.78
N LEU B 94 7.24 -8.96 13.50
CA LEU B 94 7.91 -7.72 13.17
C LEU B 94 7.31 -6.66 14.09
N GLU B 95 8.15 -5.84 14.71
CA GLU B 95 7.66 -4.84 15.66
C GLU B 95 7.79 -3.41 15.12
N VAL B 96 6.76 -2.59 15.35
CA VAL B 96 6.77 -1.20 14.98
C VAL B 96 6.43 -0.39 16.22
N ILE B 97 7.19 0.68 16.45
CA ILE B 97 6.88 1.65 17.51
C ILE B 97 6.63 3.01 16.89
N VAL B 98 5.54 3.65 17.32
CA VAL B 98 5.23 5.02 16.93
C VAL B 98 5.84 5.99 17.95
N ILE B 99 6.77 6.81 17.49
CA ILE B 99 7.64 7.60 18.36
C ILE B 99 7.10 9.00 18.64
N ASP B 100 7.12 9.35 19.93
CA ASP B 100 6.59 10.57 20.56
C ASP B 100 7.73 11.52 20.81
#